data_4X5P
#
_entry.id   4X5P
#
_cell.length_a   48.840
_cell.length_b   55.890
_cell.length_c   61.000
_cell.angle_alpha   90.00
_cell.angle_beta   90.00
_cell.angle_gamma   90.00
#
_symmetry.space_group_name_H-M   'P 21 21 21'
#
loop_
_entity.id
_entity.type
_entity.pdbx_description
1 polymer 'Protein FimH'
2 non-polymer '4-{[3-chloro-4-(alpha-D-mannopyranosyloxy)phenyl]carbamoyl}benzoic acid'
3 water water
#
_entity_poly.entity_id   1
_entity_poly.type   'polypeptide(L)'
_entity_poly.pdbx_seq_one_letter_code
;FACKTANGTAIPIGGGSANVYVNLAPVVNVGQNLVVDLSTQIFCHNDYPETITDYVTLQRGSAYGGVLSNFSGTVKYSGS
SYPFPTTSETPRVVYNSRTDKPWPVALYLTPVSSAGGVAIKAGSLIAVLILRQTNNYNSDDFQFVWNIYANNDVVVPTGL
;
_entity_poly.pdbx_strand_id   A
#
# COMPACT_ATOMS: atom_id res chain seq x y z
N PHE A 1 -5.45 17.24 -4.27
CA PHE A 1 -4.88 16.03 -3.64
C PHE A 1 -3.96 15.33 -4.61
N ALA A 2 -2.73 15.05 -4.18
CA ALA A 2 -1.77 14.36 -5.03
C ALA A 2 -0.77 13.68 -4.10
N CYS A 3 0.01 12.77 -4.69
CA CYS A 3 0.89 11.90 -3.93
C CYS A 3 2.25 11.75 -4.60
N LYS A 4 3.22 11.35 -3.79
CA LYS A 4 4.57 11.14 -4.25
C LYS A 4 5.16 9.93 -3.55
N THR A 5 6.28 9.45 -4.09
CA THR A 5 6.90 8.24 -3.58
C THR A 5 8.34 8.46 -3.16
N ALA A 6 8.85 7.49 -2.41
CA ALA A 6 10.24 7.45 -2.03
C ALA A 6 11.17 7.08 -3.18
N ASN A 7 10.62 6.70 -4.33
CA ASN A 7 11.43 6.49 -5.50
C ASN A 7 11.40 7.68 -6.44
N GLY A 8 10.87 8.80 -5.98
CA GLY A 8 10.94 10.03 -6.74
C GLY A 8 9.90 10.17 -7.83
N THR A 9 8.84 9.40 -7.77
CA THR A 9 7.76 9.52 -8.74
C THR A 9 6.53 10.05 -8.06
N ALA A 10 5.52 10.33 -8.87
CA ALA A 10 4.35 11.05 -8.41
C ALA A 10 3.10 10.45 -9.05
N ILE A 11 1.97 10.78 -8.45
CA ILE A 11 0.67 10.65 -9.11
C ILE A 11 -0.04 11.98 -8.86
N PRO A 12 -0.46 12.67 -9.93
CA PRO A 12 -1.08 14.00 -9.76
C PRO A 12 -2.55 13.94 -9.37
N ILE A 13 -3.11 15.13 -9.21
CA ILE A 13 -4.56 15.31 -9.12
C ILE A 13 -5.22 14.42 -10.14
N GLY A 14 -6.27 13.74 -9.70
CA GLY A 14 -7.05 12.87 -10.57
C GLY A 14 -6.64 11.42 -10.56
N GLY A 15 -5.53 11.08 -9.90
CA GLY A 15 -5.12 9.71 -9.79
C GLY A 15 -4.32 9.21 -10.97
N GLY A 16 -4.08 7.90 -10.98
CA GLY A 16 -3.16 7.28 -11.89
C GLY A 16 -2.41 6.20 -11.18
N SER A 17 -1.24 5.81 -11.69
N SER A 17 -1.22 5.90 -11.69
N SER A 17 -1.24 5.86 -11.70
CA SER A 17 -0.50 4.73 -11.09
CA SER A 17 -0.42 4.79 -11.25
CA SER A 17 -0.47 4.72 -11.25
C SER A 17 0.98 5.05 -11.01
C SER A 17 1.01 5.19 -10.93
C SER A 17 0.99 5.10 -10.99
N ALA A 18 1.61 4.38 -10.06
CA ALA A 18 3.02 4.53 -9.80
C ALA A 18 3.57 3.18 -9.32
N ASN A 19 4.87 3.04 -9.48
CA ASN A 19 5.61 1.91 -8.96
C ASN A 19 6.35 2.32 -7.69
N VAL A 20 6.41 1.38 -6.76
CA VAL A 20 7.04 1.56 -5.48
C VAL A 20 7.99 0.39 -5.26
N TYR A 21 9.23 0.66 -4.82
CA TYR A 21 10.26 -0.35 -4.66
C TYR A 21 10.64 -0.43 -3.22
N VAL A 22 10.45 -1.57 -2.63
CA VAL A 22 10.61 -1.70 -1.20
C VAL A 22 11.74 -2.63 -0.86
N ASN A 23 12.59 -2.17 0.03
CA ASN A 23 13.58 -3.04 0.64
C ASN A 23 12.88 -3.89 1.69
N LEU A 24 13.11 -5.19 1.64
CA LEU A 24 12.44 -6.15 2.52
C LEU A 24 13.47 -6.87 3.36
N ALA A 25 13.07 -7.26 4.56
CA ALA A 25 13.92 -8.09 5.40
C ALA A 25 14.40 -9.29 4.59
N PRO A 26 15.69 -9.64 4.64
CA PRO A 26 16.15 -10.72 3.77
C PRO A 26 15.76 -12.12 4.22
N VAL A 27 15.42 -12.24 5.50
CA VAL A 27 15.04 -13.50 6.10
C VAL A 27 13.77 -13.30 6.90
N VAL A 28 12.80 -14.19 6.70
CA VAL A 28 11.61 -14.21 7.54
C VAL A 28 11.30 -15.65 7.84
N ASN A 29 11.08 -15.92 9.13
CA ASN A 29 10.82 -17.27 9.57
C ASN A 29 9.34 -17.60 9.54
N VAL A 30 9.04 -18.88 9.37
CA VAL A 30 7.70 -19.35 9.62
C VAL A 30 7.31 -18.91 11.04
N GLY A 31 6.07 -18.50 11.20
CA GLY A 31 5.59 -18.02 12.48
C GLY A 31 5.95 -16.59 12.82
N GLN A 32 6.59 -15.87 11.89
CA GLN A 32 6.93 -14.47 12.08
C GLN A 32 6.42 -13.67 10.89
N ASN A 33 6.44 -12.36 11.03
CA ASN A 33 5.93 -11.45 10.01
C ASN A 33 7.04 -10.70 9.28
N LEU A 34 6.88 -10.65 7.97
CA LEU A 34 7.59 -9.74 7.10
C LEU A 34 6.77 -8.46 7.04
N VAL A 35 7.35 -7.34 7.44
CA VAL A 35 6.65 -6.07 7.45
C VAL A 35 7.00 -5.31 6.19
N VAL A 36 5.97 -4.87 5.48
CA VAL A 36 6.12 -4.04 4.31
C VAL A 36 5.46 -2.70 4.63
N ASP A 37 6.24 -1.72 5.07
CA ASP A 37 5.66 -0.47 5.56
C ASP A 37 5.61 0.53 4.41
N LEU A 38 4.42 0.85 3.95
CA LEU A 38 4.29 1.81 2.86
C LEU A 38 4.26 3.24 3.37
N SER A 39 4.21 3.47 4.68
CA SER A 39 4.21 4.85 5.19
C SER A 39 5.56 5.55 5.02
N THR A 40 6.59 4.78 4.70
CA THR A 40 7.89 5.37 4.34
C THR A 40 8.08 5.41 2.83
N GLN A 41 7.03 5.08 2.07
CA GLN A 41 7.10 4.99 0.63
C GLN A 41 6.16 5.94 -0.09
N ILE A 42 4.97 6.18 0.46
CA ILE A 42 3.89 6.89 -0.21
C ILE A 42 3.44 8.02 0.68
N PHE A 43 3.39 9.24 0.12
CA PHE A 43 3.06 10.45 0.83
C PHE A 43 2.08 11.25 0.02
N CYS A 44 1.10 11.86 0.67
CA CYS A 44 0.08 12.62 -0.02
C CYS A 44 -0.20 13.94 0.68
N HIS A 45 -0.92 14.83 0.01
CA HIS A 45 -1.31 16.08 0.64
C HIS A 45 -2.59 16.60 0.00
N ASN A 46 -3.22 17.54 0.70
CA ASN A 46 -4.44 18.27 0.29
C ASN A 46 -4.01 19.60 -0.35
N ASP A 47 -4.57 19.90 -1.52
CA ASP A 47 -4.20 21.07 -2.28
C ASP A 47 -5.03 22.31 -1.97
N TYR A 48 -6.07 22.22 -1.14
CA TYR A 48 -6.85 23.41 -0.76
C TYR A 48 -7.47 23.19 0.60
N PRO A 49 -6.62 23.04 1.62
CA PRO A 49 -7.14 22.62 2.93
C PRO A 49 -7.91 23.71 3.63
N GLU A 50 -7.84 24.94 3.16
CA GLU A 50 -8.58 26.04 3.75
C GLU A 50 -10.08 25.77 3.68
N THR A 51 -10.49 25.07 2.62
N THR A 51 -10.53 25.09 2.63
CA THR A 51 -11.90 24.85 2.32
CA THR A 51 -11.97 24.82 2.46
C THR A 51 -12.28 23.37 2.25
C THR A 51 -12.35 23.40 2.09
N ILE A 52 -11.39 22.56 1.70
CA ILE A 52 -11.71 21.19 1.32
C ILE A 52 -11.08 20.22 2.31
N THR A 53 -11.85 19.22 2.70
CA THR A 53 -11.33 18.07 3.44
C THR A 53 -11.26 16.87 2.51
N ASP A 54 -10.09 16.25 2.41
CA ASP A 54 -9.89 15.04 1.60
C ASP A 54 -10.02 13.80 2.46
N TYR A 55 -10.61 12.77 1.87
CA TYR A 55 -10.82 11.47 2.49
C TYR A 55 -10.14 10.39 1.68
N VAL A 56 -9.41 9.50 2.36
CA VAL A 56 -8.56 8.54 1.68
C VAL A 56 -8.73 7.16 2.29
N THR A 57 -9.02 6.16 1.46
CA THR A 57 -9.15 4.77 1.89
C THR A 57 -8.13 3.90 1.15
N LEU A 58 -7.89 2.71 1.72
CA LEU A 58 -7.35 1.59 0.94
C LEU A 58 -8.57 0.85 0.39
N GLN A 59 -8.76 0.96 -0.91
N GLN A 59 -8.82 1.05 -0.91
CA GLN A 59 -9.92 0.38 -1.52
CA GLN A 59 -9.97 0.44 -1.56
C GLN A 59 -9.79 -1.14 -1.73
C GLN A 59 -9.75 -1.03 -1.77
N ARG A 60 -8.66 -1.57 -2.30
N ARG A 60 -8.50 -1.43 -2.04
CA ARG A 60 -8.33 -2.99 -2.43
CA ARG A 60 -8.21 -2.78 -2.44
C ARG A 60 -6.83 -3.16 -2.44
C ARG A 60 -6.73 -3.04 -2.27
N GLY A 61 -6.41 -4.23 -1.79
CA GLY A 61 -5.03 -4.69 -1.80
C GLY A 61 -4.97 -6.13 -2.31
N SER A 62 -4.13 -6.35 -3.31
CA SER A 62 -4.01 -7.64 -3.95
C SER A 62 -2.56 -8.12 -3.84
N ALA A 63 -2.38 -9.44 -3.75
CA ALA A 63 -1.07 -10.07 -3.64
C ALA A 63 -0.66 -10.70 -4.96
N TYR A 64 0.65 -10.72 -5.21
CA TYR A 64 1.21 -11.29 -6.42
C TYR A 64 2.46 -12.11 -6.12
N GLY A 65 2.83 -12.94 -7.07
CA GLY A 65 4.11 -13.62 -7.06
C GLY A 65 4.32 -14.44 -5.83
N GLY A 66 5.49 -14.27 -5.23
CA GLY A 66 5.83 -15.04 -4.06
C GLY A 66 5.00 -14.71 -2.85
N VAL A 67 4.49 -13.50 -2.75
CA VAL A 67 3.58 -13.16 -1.66
C VAL A 67 2.28 -13.95 -1.81
N LEU A 68 1.71 -13.93 -3.01
CA LEU A 68 0.52 -14.71 -3.28
C LEU A 68 0.73 -16.20 -3.03
N SER A 69 1.87 -16.76 -3.42
N SER A 69 1.87 -16.73 -3.46
CA SER A 69 2.00 -18.20 -3.29
CA SER A 69 2.16 -18.16 -3.35
C SER A 69 2.58 -18.68 -1.97
C SER A 69 2.44 -18.59 -1.91
N ASN A 70 3.27 -17.81 -1.23
CA ASN A 70 4.02 -18.28 -0.07
C ASN A 70 3.66 -17.64 1.26
N PHE A 71 2.74 -16.66 1.28
CA PHE A 71 2.45 -15.90 2.49
C PHE A 71 0.95 -15.76 2.73
N SER A 72 0.61 -15.57 3.99
CA SER A 72 -0.70 -15.03 4.33
C SER A 72 -0.49 -13.75 5.16
N GLY A 73 -1.59 -13.13 5.63
N GLY A 73 -1.49 -12.90 5.16
CA GLY A 73 -1.48 -12.09 6.66
CA GLY A 73 -1.22 -11.53 5.54
C GLY A 73 -2.49 -10.97 6.60
C GLY A 73 -2.38 -10.82 6.18
N THR A 74 -2.04 -9.74 6.89
CA THR A 74 -2.93 -8.65 7.19
C THR A 74 -2.35 -7.36 6.62
N VAL A 75 -3.22 -6.37 6.52
CA VAL A 75 -2.84 -5.00 6.26
C VAL A 75 -3.32 -4.13 7.39
N LYS A 76 -2.43 -3.28 7.90
CA LYS A 76 -2.74 -2.31 8.92
C LYS A 76 -2.93 -0.95 8.25
N TYR A 77 -4.10 -0.36 8.45
CA TYR A 77 -4.45 0.93 7.87
C TYR A 77 -4.84 1.87 9.00
N SER A 78 -4.01 2.87 9.26
CA SER A 78 -4.31 3.86 10.30
C SER A 78 -4.68 3.19 11.63
N GLY A 79 -3.87 2.22 12.03
CA GLY A 79 -4.03 1.63 13.36
C GLY A 79 -4.91 0.40 13.47
N SER A 80 -5.72 0.09 12.47
CA SER A 80 -6.56 -1.11 12.49
C SER A 80 -6.11 -2.07 11.42
N SER A 81 -6.23 -3.35 11.69
CA SER A 81 -5.78 -4.37 10.76
C SER A 81 -6.94 -5.15 10.15
N TYR A 82 -6.71 -5.61 8.93
CA TYR A 82 -7.68 -6.29 8.11
C TYR A 82 -6.99 -7.42 7.35
N PRO A 83 -7.75 -8.41 6.85
CA PRO A 83 -7.11 -9.43 6.02
C PRO A 83 -6.43 -8.84 4.78
N PHE A 84 -5.35 -9.49 4.38
CA PHE A 84 -4.67 -9.17 3.13
C PHE A 84 -4.35 -10.49 2.42
N PRO A 85 -4.73 -10.67 1.14
CA PRO A 85 -5.46 -9.75 0.27
C PRO A 85 -6.77 -9.28 0.88
N THR A 86 -7.16 -8.08 0.52
CA THR A 86 -8.28 -7.44 1.17
C THR A 86 -9.64 -8.00 0.74
N THR A 87 -10.60 -7.84 1.64
CA THR A 87 -11.95 -8.31 1.42
C THR A 87 -13.02 -7.21 1.59
N SER A 88 -12.60 -5.96 1.82
CA SER A 88 -13.50 -4.82 1.89
C SER A 88 -12.66 -3.57 1.69
N GLU A 89 -13.30 -2.41 1.60
CA GLU A 89 -12.65 -1.12 1.61
C GLU A 89 -12.52 -0.63 3.05
N THR A 90 -11.38 -0.03 3.39
CA THR A 90 -11.19 0.46 4.72
C THR A 90 -11.99 1.74 5.03
N PRO A 91 -12.05 2.12 6.31
CA PRO A 91 -12.46 3.48 6.67
C PRO A 91 -11.53 4.53 6.07
N ARG A 92 -11.99 5.76 6.12
CA ARG A 92 -11.28 6.91 5.58
C ARG A 92 -10.32 7.52 6.59
N VAL A 93 -9.20 7.99 6.06
CA VAL A 93 -8.27 8.87 6.74
C VAL A 93 -8.44 10.28 6.15
N VAL A 94 -8.44 11.28 7.01
CA VAL A 94 -8.54 12.68 6.60
C VAL A 94 -7.18 13.25 6.25
N TYR A 95 -7.10 13.94 5.12
CA TYR A 95 -5.97 14.76 4.73
C TYR A 95 -6.48 16.21 4.73
N ASN A 96 -5.85 17.04 5.55
CA ASN A 96 -6.33 18.41 5.82
C ASN A 96 -5.19 19.43 5.88
N SER A 97 -4.09 19.12 5.22
CA SER A 97 -2.93 19.98 5.18
C SER A 97 -2.24 19.89 3.84
N ARG A 98 -1.59 20.99 3.45
CA ARG A 98 -0.72 20.97 2.28
C ARG A 98 0.58 20.24 2.55
N THR A 99 0.94 20.05 3.82
CA THR A 99 2.17 19.37 4.13
C THR A 99 2.05 17.87 3.84
N ASP A 100 3.07 17.30 3.21
CA ASP A 100 3.14 15.86 2.95
C ASP A 100 2.81 15.08 4.21
N LYS A 101 1.97 14.06 4.05
CA LYS A 101 1.60 13.17 5.13
C LYS A 101 1.69 11.72 4.63
N PRO A 102 2.38 10.85 5.37
CA PRO A 102 2.46 9.46 4.92
C PRO A 102 1.09 8.82 4.75
N TRP A 103 1.01 7.88 3.83
CA TRP A 103 -0.18 7.04 3.71
C TRP A 103 0.00 5.86 4.69
N PRO A 104 -0.86 5.74 5.70
CA PRO A 104 -0.56 4.87 6.85
C PRO A 104 -0.94 3.41 6.62
N VAL A 105 -0.24 2.78 5.68
CA VAL A 105 -0.49 1.39 5.27
C VAL A 105 0.76 0.56 5.49
N ALA A 106 0.60 -0.63 6.10
CA ALA A 106 1.68 -1.58 6.22
C ALA A 106 1.13 -2.99 6.08
N LEU A 107 1.84 -3.84 5.36
CA LEU A 107 1.51 -5.25 5.23
C LEU A 107 2.30 -6.06 6.26
N TYR A 108 1.63 -7.05 6.84
CA TYR A 108 2.25 -7.98 7.78
C TYR A 108 2.05 -9.37 7.21
N LEU A 109 3.11 -9.95 6.64
CA LEU A 109 3.02 -11.15 5.82
C LEU A 109 3.77 -12.29 6.49
N THR A 110 3.12 -13.43 6.68
CA THR A 110 3.75 -14.54 7.35
C THR A 110 3.85 -15.74 6.42
N PRO A 111 5.00 -16.42 6.39
CA PRO A 111 5.16 -17.52 5.43
C PRO A 111 4.31 -18.74 5.75
N VAL A 112 3.70 -19.31 4.72
CA VAL A 112 2.85 -20.49 4.83
C VAL A 112 3.73 -21.69 5.02
N SER A 113 3.15 -22.76 5.53
CA SER A 113 3.89 -23.96 5.89
C SER A 113 4.79 -24.50 4.77
N SER A 114 4.33 -24.37 3.53
CA SER A 114 5.03 -24.95 2.38
C SER A 114 6.19 -24.09 1.88
N ALA A 115 6.35 -22.89 2.43
CA ALA A 115 7.37 -21.96 1.93
C ALA A 115 8.79 -22.35 2.36
N GLY A 116 9.77 -22.06 1.51
CA GLY A 116 11.16 -22.33 1.81
C GLY A 116 12.09 -21.87 0.70
N GLY A 117 13.36 -21.63 1.05
CA GLY A 117 14.31 -21.04 0.11
C GLY A 117 13.85 -19.65 -0.20
N VAL A 118 14.10 -19.20 -1.43
CA VAL A 118 13.70 -17.88 -1.89
C VAL A 118 12.21 -17.87 -2.13
N ALA A 119 11.51 -17.17 -1.25
CA ALA A 119 10.07 -17.08 -1.23
C ALA A 119 9.53 -15.85 -1.94
N ILE A 120 10.34 -14.79 -2.05
CA ILE A 120 10.01 -13.62 -2.84
C ILE A 120 11.26 -13.29 -3.64
N LYS A 121 11.14 -13.17 -4.95
CA LYS A 121 12.26 -12.86 -5.82
C LYS A 121 12.49 -11.37 -5.95
N ALA A 122 13.76 -10.97 -5.92
CA ALA A 122 14.13 -9.59 -6.20
C ALA A 122 13.54 -9.15 -7.51
N GLY A 123 12.98 -7.94 -7.50
CA GLY A 123 12.42 -7.31 -8.66
C GLY A 123 11.01 -7.67 -8.96
N SER A 124 10.46 -8.61 -8.22
CA SER A 124 9.13 -9.10 -8.53
C SER A 124 8.02 -8.24 -7.94
N LEU A 125 6.89 -8.22 -8.63
CA LEU A 125 5.67 -7.61 -8.12
C LEU A 125 5.18 -8.43 -6.93
N ILE A 126 4.92 -7.74 -5.81
CA ILE A 126 4.39 -8.40 -4.62
C ILE A 126 2.97 -7.99 -4.28
N ALA A 127 2.53 -6.81 -4.68
CA ALA A 127 1.21 -6.33 -4.28
C ALA A 127 0.79 -5.20 -5.20
N VAL A 128 -0.53 -4.99 -5.28
CA VAL A 128 -1.10 -3.77 -5.86
C VAL A 128 -2.05 -3.21 -4.81
N LEU A 129 -1.86 -1.95 -4.44
CA LEU A 129 -2.67 -1.28 -3.43
C LEU A 129 -3.37 -0.10 -4.08
N ILE A 130 -4.68 -0.06 -3.98
N ILE A 130 -4.68 -0.03 -3.95
CA ILE A 130 -5.47 1.04 -4.51
CA ILE A 130 -5.46 1.04 -4.55
C ILE A 130 -5.85 2.00 -3.39
C ILE A 130 -5.92 2.02 -3.47
N LEU A 131 -5.43 3.24 -3.54
CA LEU A 131 -5.82 4.33 -2.67
C LEU A 131 -6.99 5.05 -3.35
N ARG A 132 -8.12 5.15 -2.65
N ARG A 132 -8.10 5.22 -2.64
CA ARG A 132 -9.27 5.92 -3.16
CA ARG A 132 -9.27 5.92 -3.19
C ARG A 132 -9.36 7.24 -2.44
C ARG A 132 -9.48 7.24 -2.44
N GLN A 133 -9.46 8.33 -3.20
CA GLN A 133 -9.57 9.67 -2.66
C GLN A 133 -10.88 10.33 -3.09
N THR A 134 -11.60 10.85 -2.10
CA THR A 134 -12.80 11.65 -2.26
C THR A 134 -12.64 12.91 -1.39
N ASN A 135 -13.69 13.74 -1.27
CA ASN A 135 -13.62 14.94 -0.47
C ASN A 135 -15.01 15.36 -0.02
N ASN A 136 -15.09 16.48 0.69
CA ASN A 136 -16.36 17.03 1.15
C ASN A 136 -16.80 18.26 0.36
N TYR A 137 -16.30 18.37 -0.86
CA TYR A 137 -16.47 19.58 -1.66
C TYR A 137 -17.19 19.34 -2.98
N ASN A 138 -16.81 18.28 -3.70
CA ASN A 138 -17.35 17.96 -5.01
C ASN A 138 -17.49 16.44 -5.11
N SER A 139 -17.70 15.92 -6.31
N SER A 139 -17.67 15.92 -6.32
CA SER A 139 -17.92 14.48 -6.47
CA SER A 139 -17.91 14.49 -6.50
C SER A 139 -16.67 13.70 -6.92
C SER A 139 -16.68 13.76 -7.03
N ASP A 140 -15.50 14.31 -6.79
CA ASP A 140 -14.27 13.63 -7.19
C ASP A 140 -14.15 12.28 -6.48
N ASP A 141 -13.71 11.28 -7.23
CA ASP A 141 -13.54 9.91 -6.70
C ASP A 141 -12.44 9.27 -7.51
N PHE A 142 -11.21 9.34 -7.01
CA PHE A 142 -10.04 9.03 -7.80
C PHE A 142 -9.27 7.86 -7.21
N GLN A 143 -8.69 7.05 -8.09
N GLN A 143 -8.69 7.05 -8.10
CA GLN A 143 -7.84 5.93 -7.70
CA GLN A 143 -7.85 5.89 -7.74
C GLN A 143 -6.39 6.24 -7.97
C GLN A 143 -6.37 6.13 -8.00
N PHE A 144 -5.60 6.02 -6.93
CA PHE A 144 -4.14 6.13 -6.98
C PHE A 144 -3.65 4.69 -6.80
N VAL A 145 -3.10 4.12 -7.86
CA VAL A 145 -2.78 2.70 -7.92
C VAL A 145 -1.29 2.51 -7.72
N TRP A 146 -0.94 1.78 -6.67
CA TRP A 146 0.44 1.59 -6.26
C TRP A 146 0.86 0.15 -6.51
N ASN A 147 1.79 -0.02 -7.46
CA ASN A 147 2.33 -1.33 -7.80
C ASN A 147 3.61 -1.53 -7.00
N ILE A 148 3.59 -2.49 -6.08
CA ILE A 148 4.65 -2.65 -5.11
C ILE A 148 5.57 -3.80 -5.55
N TYR A 149 6.85 -3.47 -5.68
CA TYR A 149 7.88 -4.41 -6.11
C TYR A 149 8.91 -4.63 -5.02
N ALA A 150 9.37 -5.88 -4.91
CA ALA A 150 10.46 -6.21 -4.00
C ALA A 150 11.78 -5.75 -4.57
N ASN A 151 12.62 -5.09 -3.77
CA ASN A 151 13.96 -4.76 -4.24
C ASN A 151 14.95 -5.88 -4.07
N ASN A 152 14.61 -6.90 -3.29
CA ASN A 152 15.56 -7.93 -2.95
C ASN A 152 14.83 -9.25 -2.69
N ASP A 153 15.57 -10.36 -2.76
CA ASP A 153 15.05 -11.66 -2.39
C ASP A 153 14.73 -11.69 -0.90
N VAL A 154 13.70 -12.47 -0.58
CA VAL A 154 13.37 -12.82 0.79
C VAL A 154 13.41 -14.33 0.90
N VAL A 155 14.15 -14.82 1.88
CA VAL A 155 14.32 -16.23 2.15
C VAL A 155 13.57 -16.62 3.40
N VAL A 156 12.92 -17.79 3.34
CA VAL A 156 12.27 -18.40 4.49
C VAL A 156 13.10 -19.64 4.85
N PRO A 157 13.76 -19.63 6.01
CA PRO A 157 14.60 -20.78 6.33
C PRO A 157 13.79 -22.05 6.51
N THR A 158 14.44 -23.17 6.24
CA THR A 158 13.88 -24.48 6.51
C THR A 158 13.99 -24.72 8.02
#